data_5QH1
#
_entry.id   5QH1
#
_cell.length_a   123.751
_cell.length_b   123.751
_cell.length_c   40.867
_cell.angle_alpha   90.000
_cell.angle_beta   90.000
_cell.angle_gamma   120.000
#
_symmetry.space_group_name_H-M   'P 3 2 1'
#
loop_
_entity.id
_entity.type
_entity.pdbx_description
1 polymer 'Peroxisomal coenzyme A diphosphatase NUDT7'
2 non-polymer 'ACETATE ION'
3 non-polymer 'DIMETHYL SULFOXIDE'
4 non-polymer N-(3-chlorophenyl)-2-(3-hydroxyphenyl)acetamide
5 water water
#
_entity_poly.entity_id   1
_entity_poly.type   'polypeptide(L)'
_entity_poly.pdbx_seq_one_letter_code
;SMLDDAKARLRKYDIGGKYSHLPYNKYSVLLPLVAKEGKLHLLFTVRSEKLRRAPGEVCFPGGKRDPTDMDDAATALREA
QEEVGLR(HYP)HQVEVV(CSO)CLVPCLIDTDTLITPFVGLIDHNFQAQPNPAEVKDVFLVPLAYFLHPQVHDQHYVTR
LGHRFINHIFEYTNPEDGVTYQIKGMTANLAVLVAFIILEKKPT
;
_entity_poly.pdbx_strand_id   A
#
# COMPACT_ATOMS: atom_id res chain seq x y z
N SER A 1 16.83 -9.92 -12.63
CA SER A 1 15.45 -9.63 -13.14
C SER A 1 14.83 -8.44 -12.42
N MET A 2 13.76 -7.90 -12.99
CA MET A 2 13.06 -6.74 -12.45
C MET A 2 12.60 -7.05 -11.03
N LEU A 3 12.03 -8.24 -10.84
CA LEU A 3 11.45 -8.59 -9.55
C LEU A 3 12.52 -8.92 -8.52
N ASP A 4 13.56 -9.64 -8.94
CA ASP A 4 14.64 -9.94 -8.02
C ASP A 4 15.36 -8.66 -7.59
N ASP A 5 15.51 -7.73 -8.53
CA ASP A 5 16.12 -6.44 -8.25
C ASP A 5 15.26 -5.62 -7.26
N ALA A 6 13.95 -5.59 -7.48
CA ALA A 6 13.02 -4.88 -6.55
C ALA A 6 13.10 -5.46 -5.14
N LYS A 7 13.05 -6.80 -5.04
CA LYS A 7 13.12 -7.43 -3.73
C LYS A 7 14.47 -7.16 -3.02
N ALA A 8 15.57 -7.23 -3.77
CA ALA A 8 16.89 -6.94 -3.21
C ALA A 8 16.95 -5.50 -2.67
N ARG A 9 16.36 -4.55 -3.40
CA ARG A 9 16.33 -3.15 -2.97
C ARG A 9 15.51 -3.01 -1.70
N LEU A 10 14.30 -3.57 -1.73
CA LEU A 10 13.41 -3.52 -0.58
C LEU A 10 13.98 -4.07 0.70
N ARG A 11 14.69 -5.19 0.61
CA ARG A 11 15.27 -5.83 1.79
C ARG A 11 16.25 -4.95 2.54
N LYS A 12 16.92 -4.05 1.83
CA LYS A 12 17.85 -3.10 2.47
C LYS A 12 17.18 -2.08 3.39
N TYR A 13 15.86 -1.89 3.27
CA TYR A 13 15.11 -0.94 4.05
C TYR A 13 14.24 -1.62 5.12
N ASP A 14 14.33 -2.94 5.20
CA ASP A 14 13.48 -3.74 6.11
C ASP A 14 13.89 -3.40 7.54
N ILE A 15 12.93 -2.98 8.34
CA ILE A 15 13.22 -2.79 9.76
C ILE A 15 12.88 -4.05 10.56
N GLY A 16 12.17 -5.00 9.94
CA GLY A 16 11.77 -6.24 10.60
C GLY A 16 10.80 -5.99 11.74
N GLY A 17 10.95 -6.75 12.83
CA GLY A 17 10.07 -6.67 14.01
C GLY A 17 10.53 -5.75 15.14
N LYS A 18 11.49 -4.88 14.84
CA LYS A 18 12.12 -3.97 15.80
C LYS A 18 11.09 -3.17 16.67
N TYR A 19 10.08 -2.59 16.05
CA TYR A 19 9.09 -1.74 16.69
C TYR A 19 7.75 -2.48 17.00
N SER A 20 7.71 -3.77 16.66
CA SER A 20 6.43 -4.50 16.64
C SER A 20 5.84 -4.82 17.99
N HIS A 21 6.63 -4.88 19.06
N HIS A 21 6.66 -4.90 19.05
CA HIS A 21 6.06 -5.24 20.37
CA HIS A 21 6.17 -5.25 20.38
C HIS A 21 5.68 -4.01 21.19
C HIS A 21 5.77 -4.03 21.22
N LEU A 22 6.03 -2.81 20.72
CA LEU A 22 5.68 -1.59 21.47
C LEU A 22 4.18 -1.47 21.68
N PRO A 23 3.76 -0.97 22.85
CA PRO A 23 2.36 -1.10 23.26
C PRO A 23 1.41 -0.05 22.69
N TYR A 24 1.30 -0.01 21.35
CA TYR A 24 0.45 0.89 20.66
C TYR A 24 -0.89 0.24 20.26
N ASN A 25 -1.83 1.07 19.86
CA ASN A 25 -2.97 0.62 19.03
C ASN A 25 -2.34 0.31 17.66
N LYS A 26 -2.46 -0.92 17.19
CA LYS A 26 -1.64 -1.40 16.06
C LYS A 26 -2.50 -1.67 14.82
N TYR A 27 -2.03 -1.10 13.70
CA TYR A 27 -2.61 -1.36 12.36
C TYR A 27 -1.50 -1.73 11.43
N SER A 28 -1.80 -2.55 10.42
CA SER A 28 -0.83 -2.83 9.37
C SER A 28 -1.46 -2.51 8.03
N VAL A 29 -0.61 -2.08 7.09
CA VAL A 29 -1.04 -1.89 5.69
C VAL A 29 -0.15 -2.73 4.80
N LEU A 30 -0.75 -3.16 3.67
CA LEU A 30 -0.04 -3.85 2.64
C LEU A 30 0.15 -2.94 1.44
N LEU A 31 1.39 -2.78 1.04
CA LEU A 31 1.75 -2.00 -0.12
C LEU A 31 1.93 -3.05 -1.25
N PRO A 32 0.91 -3.27 -2.09
CA PRO A 32 0.93 -4.43 -2.98
C PRO A 32 1.50 -4.06 -4.35
N LEU A 33 2.63 -4.70 -4.66
CA LEU A 33 3.33 -4.46 -5.92
C LEU A 33 2.90 -5.50 -6.95
N VAL A 34 2.47 -5.00 -8.10
CA VAL A 34 1.95 -5.79 -9.19
C VAL A 34 2.81 -5.49 -10.41
N ALA A 35 3.29 -6.52 -11.09
CA ALA A 35 4.04 -6.31 -12.33
C ALA A 35 3.09 -6.50 -13.52
N LYS A 36 2.90 -5.47 -14.34
CA LYS A 36 2.05 -5.52 -15.57
C LYS A 36 2.77 -4.78 -16.65
N GLU A 37 2.65 -5.25 -17.89
CA GLU A 37 3.16 -4.51 -19.03
C GLU A 37 4.59 -4.08 -18.86
N GLY A 38 5.36 -4.95 -18.22
CA GLY A 38 6.76 -4.78 -18.06
C GLY A 38 7.19 -3.76 -17.01
N LYS A 39 6.24 -3.30 -16.18
CA LYS A 39 6.54 -2.25 -15.17
C LYS A 39 5.91 -2.63 -13.84
N LEU A 40 6.45 -2.09 -12.77
CA LEU A 40 5.81 -2.30 -11.46
C LEU A 40 4.73 -1.26 -11.20
N HIS A 41 3.69 -1.68 -10.49
CA HIS A 41 2.55 -0.88 -10.14
C HIS A 41 2.26 -1.10 -8.65
N LEU A 42 1.65 -0.11 -8.03
CA LEU A 42 1.03 -0.27 -6.73
C LEU A 42 -0.46 -0.42 -6.86
N LEU A 43 -1.05 -1.27 -6.03
CA LEU A 43 -2.49 -1.46 -5.97
C LEU A 43 -3.04 -0.65 -4.82
N PHE A 44 -4.08 0.10 -5.11
CA PHE A 44 -4.79 0.93 -4.16
C PHE A 44 -6.26 0.53 -4.09
N THR A 45 -6.88 0.86 -2.96
CA THR A 45 -8.33 0.72 -2.82
C THR A 45 -8.96 2.08 -2.65
N VAL A 46 -10.20 2.21 -3.10
CA VAL A 46 -11.03 3.34 -2.72
C VAL A 46 -11.99 2.83 -1.67
N ARG A 47 -12.00 3.50 -0.52
CA ARG A 47 -12.85 3.11 0.58
C ARG A 47 -14.31 3.33 0.23
N SER A 48 -15.15 2.44 0.70
CA SER A 48 -16.59 2.58 0.48
C SER A 48 -17.10 3.88 1.08
N GLU A 49 -18.11 4.47 0.45
CA GLU A 49 -18.76 5.69 0.97
C GLU A 49 -19.54 5.43 2.27
N LYS A 50 -19.87 4.16 2.55
CA LYS A 50 -20.58 3.76 3.77
C LYS A 50 -19.71 3.77 5.03
N LEU A 51 -18.39 3.82 4.90
CA LEU A 51 -17.50 3.72 6.07
C LEU A 51 -17.50 5.01 6.89
N ARG A 52 -17.25 4.87 8.19
CA ARG A 52 -17.23 6.00 9.13
C ARG A 52 -15.97 6.85 8.94
N ARG A 53 -14.81 6.18 8.95
CA ARG A 53 -13.51 6.83 8.75
C ARG A 53 -13.21 6.95 7.25
N ALA A 54 -13.05 8.18 6.75
CA ALA A 54 -12.51 8.45 5.40
C ALA A 54 -13.27 7.79 4.24
N PRO A 55 -14.61 7.97 4.18
CA PRO A 55 -15.38 7.40 3.08
C PRO A 55 -14.91 7.92 1.73
N GLY A 56 -14.81 7.03 0.75
CA GLY A 56 -14.44 7.43 -0.60
C GLY A 56 -12.98 7.82 -0.85
N GLU A 57 -12.12 7.66 0.15
CA GLU A 57 -10.72 8.03 0.00
C GLU A 57 -9.86 6.85 -0.42
N VAL A 58 -8.73 7.18 -1.04
CA VAL A 58 -7.81 6.19 -1.54
C VAL A 58 -6.90 5.76 -0.40
N CYS A 59 -6.73 4.45 -0.23
N CYS A 59 -6.72 4.44 -0.26
CA CYS A 59 -5.80 3.95 0.76
CA CYS A 59 -5.96 3.85 0.82
C CYS A 59 -5.38 2.54 0.42
C CYS A 59 -5.28 2.59 0.31
N PHE A 60 -4.33 2.09 1.08
CA PHE A 60 -3.82 0.75 0.88
C PHE A 60 -4.70 -0.24 1.66
N PRO A 61 -4.73 -1.51 1.22
CA PRO A 61 -5.40 -2.51 2.05
C PRO A 61 -4.73 -2.66 3.42
N GLY A 62 -5.50 -3.04 4.41
CA GLY A 62 -4.94 -3.24 5.76
C GLY A 62 -5.99 -2.98 6.81
N GLY A 63 -5.54 -2.94 8.06
CA GLY A 63 -6.49 -2.73 9.12
C GLY A 63 -5.88 -2.98 10.47
N LYS A 64 -6.76 -3.05 11.47
CA LYS A 64 -6.30 -3.18 12.87
C LYS A 64 -5.89 -4.60 13.21
N ARG A 65 -4.81 -4.75 13.94
CA ARG A 65 -4.38 -6.03 14.39
C ARG A 65 -5.49 -6.62 15.28
N ASP A 66 -5.65 -7.93 15.18
CA ASP A 66 -6.54 -8.66 16.10
C ASP A 66 -5.83 -9.81 16.77
N PRO A 67 -6.49 -10.48 17.75
CA PRO A 67 -5.72 -11.47 18.48
C PRO A 67 -5.25 -12.67 17.73
N THR A 68 -5.87 -12.95 16.59
CA THR A 68 -5.49 -14.13 15.79
C THR A 68 -4.13 -13.95 15.10
N ASP A 69 -3.73 -12.71 14.86
CA ASP A 69 -2.54 -12.45 14.06
C ASP A 69 -1.25 -12.91 14.75
N MET A 70 -0.47 -13.76 14.09
CA MET A 70 0.82 -14.18 14.62
C MET A 70 1.81 -13.02 14.76
N ASP A 71 1.69 -12.06 13.84
CA ASP A 71 2.59 -10.92 13.75
C ASP A 71 1.92 -9.80 12.92
N ASP A 72 2.63 -8.69 12.73
CA ASP A 72 2.06 -7.54 12.07
C ASP A 72 1.84 -7.81 10.58
N ALA A 73 2.68 -8.65 10.00
CA ALA A 73 2.53 -9.01 8.56
C ALA A 73 1.19 -9.77 8.38
N ALA A 74 0.90 -10.65 9.32
CA ALA A 74 -0.38 -11.35 9.28
C ALA A 74 -1.59 -10.46 9.30
N THR A 75 -1.56 -9.38 10.08
CA THR A 75 -2.62 -8.39 10.05
C THR A 75 -2.88 -7.86 8.65
N ALA A 76 -1.80 -7.47 7.98
CA ALA A 76 -1.89 -6.89 6.66
C ALA A 76 -2.53 -7.90 5.69
N LEU A 77 -2.08 -9.14 5.77
CA LEU A 77 -2.56 -10.20 4.86
C LEU A 77 -3.99 -10.59 5.14
N ARG A 78 -4.34 -10.69 6.41
CA ARG A 78 -5.75 -11.01 6.78
C ARG A 78 -6.72 -9.95 6.29
N GLU A 79 -6.39 -8.69 6.53
CA GLU A 79 -7.21 -7.59 6.10
C GLU A 79 -7.26 -7.45 4.58
N ALA A 80 -6.14 -7.64 3.89
CA ALA A 80 -6.13 -7.57 2.45
C ALA A 80 -7.05 -8.66 1.85
N GLN A 81 -7.04 -9.85 2.44
CA GLN A 81 -7.91 -10.94 2.00
C GLN A 81 -9.39 -10.54 2.14
N GLU A 82 -9.73 -10.01 3.31
CA GLU A 82 -11.10 -9.58 3.58
C GLU A 82 -11.55 -8.49 2.61
N GLU A 83 -10.65 -7.55 2.32
CA GLU A 83 -10.99 -6.38 1.59
C GLU A 83 -11.00 -6.58 0.08
N VAL A 84 -10.01 -7.28 -0.46
CA VAL A 84 -9.89 -7.41 -1.94
C VAL A 84 -9.74 -8.84 -2.44
N GLY A 85 -9.86 -9.81 -1.55
CA GLY A 85 -9.80 -11.25 -1.89
C GLY A 85 -8.42 -11.80 -2.14
N LEU A 86 -7.40 -11.03 -1.80
CA LEU A 86 -6.03 -11.51 -1.92
C LEU A 86 -5.74 -12.63 -0.96
N ARG A 87 -5.39 -13.81 -1.48
CA ARG A 87 -5.13 -14.97 -0.66
C ARG A 87 -3.64 -15.03 -0.30
N HIS A 89 -1.25 -17.21 -0.41
CA HIS A 89 -0.37 -17.80 -1.43
C HIS A 89 -0.12 -16.87 -2.62
N GLN A 90 -0.91 -15.79 -2.73
CA GLN A 90 -0.83 -14.84 -3.84
C GLN A 90 0.06 -13.64 -3.52
N VAL A 91 0.66 -13.65 -2.32
CA VAL A 91 1.49 -12.54 -1.87
C VAL A 91 2.77 -13.01 -1.19
N GLU A 92 3.89 -12.42 -1.59
CA GLU A 92 5.17 -12.65 -0.95
C GLU A 92 5.48 -11.35 -0.21
N VAL A 93 5.45 -11.41 1.12
CA VAL A 93 5.81 -10.23 1.94
C VAL A 93 7.33 -10.14 1.96
N VAL A 94 7.85 -9.03 1.44
CA VAL A 94 9.26 -8.86 1.19
C VAL A 94 9.91 -8.12 2.37
N CYS A 96 9.21 -5.04 5.86
CA CYS A 96 8.52 -4.11 6.67
C CYS A 96 9.22 -2.75 6.58
N LEU A 97 8.51 -1.72 6.13
CA LEU A 97 9.08 -0.38 6.02
C LEU A 97 8.85 0.38 7.32
N VAL A 98 9.45 1.57 7.39
CA VAL A 98 9.32 2.41 8.56
C VAL A 98 7.87 2.59 8.99
N PRO A 99 7.58 2.28 10.28
CA PRO A 99 6.20 2.50 10.72
C PRO A 99 5.84 3.94 10.87
N CYS A 100 4.54 4.22 10.83
N CYS A 100 4.53 4.22 10.78
CA CYS A 100 3.96 5.56 10.81
CA CYS A 100 3.96 5.57 10.86
C CYS A 100 3.28 5.78 12.19
C CYS A 100 3.36 5.72 12.25
N LEU A 101 3.72 6.79 12.95
CA LEU A 101 3.09 7.14 14.24
C LEU A 101 1.96 8.11 14.04
N ILE A 102 0.78 7.85 14.60
CA ILE A 102 -0.29 8.84 14.53
C ILE A 102 -1.10 8.92 15.83
N ASP A 103 -1.66 10.08 16.10
CA ASP A 103 -2.60 10.33 17.20
C ASP A 103 -2.04 10.04 18.59
N THR A 104 -0.71 10.01 18.72
CA THR A 104 -0.01 9.75 19.96
C THR A 104 -0.05 8.31 20.46
N ASP A 105 -1.03 7.50 20.02
CA ASP A 105 -1.20 6.17 20.58
C ASP A 105 -1.31 5.06 19.53
N THR A 106 -0.94 5.35 18.29
CA THR A 106 -1.23 4.44 17.20
C THR A 106 0.03 4.28 16.37
N LEU A 107 0.30 3.04 15.96
CA LEU A 107 1.44 2.75 15.12
C LEU A 107 0.95 1.92 13.94
N ILE A 108 1.24 2.42 12.75
CA ILE A 108 0.82 1.75 11.50
C ILE A 108 2.06 1.18 10.84
N THR A 109 2.11 -0.13 10.65
CA THR A 109 3.26 -0.81 10.12
C THR A 109 2.98 -1.17 8.64
N PRO A 110 3.80 -0.67 7.70
CA PRO A 110 3.62 -0.99 6.25
C PRO A 110 4.49 -2.15 5.82
N PHE A 111 3.92 -3.11 5.09
CA PHE A 111 4.65 -4.21 4.53
C PHE A 111 4.54 -4.15 3.03
N VAL A 112 5.65 -4.37 2.34
CA VAL A 112 5.59 -4.41 0.88
C VAL A 112 5.42 -5.88 0.50
N GLY A 113 4.47 -6.16 -0.38
CA GLY A 113 4.20 -7.51 -0.84
C GLY A 113 4.24 -7.57 -2.34
N LEU A 114 4.87 -8.60 -2.90
CA LEU A 114 4.82 -8.85 -4.35
C LEU A 114 3.62 -9.73 -4.60
N ILE A 115 2.77 -9.30 -5.54
CA ILE A 115 1.45 -9.91 -5.80
C ILE A 115 1.55 -10.78 -7.04
N ASP A 116 0.96 -11.96 -6.95
CA ASP A 116 0.94 -12.90 -8.08
C ASP A 116 0.32 -12.31 -9.31
N HIS A 117 0.93 -12.59 -10.47
CA HIS A 117 0.47 -11.99 -11.73
C HIS A 117 -0.95 -12.35 -12.16
N ASN A 118 -1.47 -13.44 -11.66
CA ASN A 118 -2.85 -13.87 -11.98
C ASN A 118 -3.87 -13.38 -10.97
N PHE A 119 -3.45 -12.56 -10.01
CA PHE A 119 -4.41 -12.09 -9.01
C PHE A 119 -5.39 -11.17 -9.68
N GLN A 120 -6.67 -11.38 -9.36
CA GLN A 120 -7.73 -10.47 -9.78
C GLN A 120 -8.57 -10.12 -8.56
N ALA A 121 -8.63 -8.83 -8.26
CA ALA A 121 -9.28 -8.37 -7.03
C ALA A 121 -10.75 -8.76 -7.00
N GLN A 122 -11.21 -9.26 -5.86
CA GLN A 122 -12.61 -9.56 -5.53
C GLN A 122 -12.97 -8.70 -4.28
N PRO A 123 -13.24 -7.43 -4.51
CA PRO A 123 -13.49 -6.51 -3.40
C PRO A 123 -14.78 -6.77 -2.65
N ASN A 124 -14.73 -6.60 -1.33
CA ASN A 124 -15.91 -6.59 -0.51
C ASN A 124 -16.56 -5.21 -0.72
N PRO A 125 -17.72 -5.13 -1.42
CA PRO A 125 -18.35 -3.83 -1.64
C PRO A 125 -18.81 -3.09 -0.38
N ALA A 126 -18.91 -3.80 0.74
CA ALA A 126 -19.22 -3.13 2.01
C ALA A 126 -18.05 -2.26 2.48
N GLU A 127 -16.83 -2.58 2.02
CA GLU A 127 -15.62 -1.88 2.45
C GLU A 127 -14.88 -1.15 1.34
N VAL A 128 -14.93 -1.70 0.14
CA VAL A 128 -14.11 -1.22 -0.97
C VAL A 128 -15.01 -0.86 -2.15
N LYS A 129 -14.94 0.39 -2.57
CA LYS A 129 -15.69 0.91 -3.72
C LYS A 129 -14.99 0.59 -5.03
N ASP A 130 -13.66 0.55 -5.00
CA ASP A 130 -12.90 0.43 -6.22
C ASP A 130 -11.49 -0.06 -5.86
N VAL A 131 -10.84 -0.70 -6.81
CA VAL A 131 -9.42 -1.13 -6.72
C VAL A 131 -8.78 -0.64 -8.01
N PHE A 132 -7.59 -0.06 -7.94
CA PHE A 132 -6.93 0.39 -9.14
C PHE A 132 -5.41 0.32 -8.98
N LEU A 133 -4.73 0.27 -10.11
CA LEU A 133 -3.28 0.27 -10.14
C LEU A 133 -2.74 1.62 -10.56
N VAL A 134 -1.58 1.97 -10.00
CA VAL A 134 -0.83 3.10 -10.49
C VAL A 134 0.61 2.68 -10.76
N PRO A 135 1.17 3.04 -11.93
CA PRO A 135 2.54 2.67 -12.15
C PRO A 135 3.43 3.32 -11.08
N LEU A 136 4.36 2.54 -10.55
CA LEU A 136 5.26 3.03 -9.52
C LEU A 136 6.02 4.26 -9.97
N ALA A 137 6.40 4.31 -11.26
CA ALA A 137 7.12 5.48 -11.75
C ALA A 137 6.34 6.79 -11.73
N TYR A 138 5.01 6.75 -11.69
CA TYR A 138 4.19 7.93 -11.56
C TYR A 138 4.61 8.76 -10.35
N PHE A 139 4.98 8.07 -9.30
CA PHE A 139 5.26 8.76 -8.04
C PHE A 139 6.58 9.51 -8.05
N LEU A 140 7.37 9.33 -9.10
CA LEU A 140 8.57 10.16 -9.32
C LEU A 140 8.22 11.48 -10.00
N HIS A 141 7.12 11.52 -10.74
CA HIS A 141 6.67 12.72 -11.45
C HIS A 141 5.17 12.85 -11.38
N PRO A 142 4.64 13.01 -10.15
CA PRO A 142 3.19 13.06 -9.96
C PRO A 142 2.61 14.38 -10.42
N GLN A 143 1.31 14.40 -10.64
CA GLN A 143 0.58 15.62 -10.88
C GLN A 143 0.07 16.12 -9.53
N VAL A 144 0.64 17.23 -9.06
CA VAL A 144 0.42 17.69 -7.70
C VAL A 144 -0.60 18.82 -7.73
N HIS A 145 -1.55 18.75 -6.81
CA HIS A 145 -2.55 19.81 -6.58
C HIS A 145 -2.50 20.14 -5.11
N ASP A 146 -2.55 21.44 -4.78
CA ASP A 146 -2.49 21.89 -3.39
C ASP A 146 -3.89 22.22 -2.90
N GLN A 147 -4.30 21.61 -1.79
CA GLN A 147 -5.65 21.79 -1.22
C GLN A 147 -5.62 22.71 0.00
N ILE A 158 -2.19 24.35 3.78
CA ILE A 158 -1.99 23.91 2.40
C ILE A 158 -1.19 22.59 2.37
N ASN A 159 -1.75 21.55 1.74
CA ASN A 159 -1.09 20.24 1.63
C ASN A 159 -1.19 19.60 0.23
N HIS A 160 -0.15 18.85 -0.14
CA HIS A 160 0.03 18.31 -1.49
C HIS A 160 -0.82 17.05 -1.74
N ILE A 161 -1.63 17.08 -2.81
CA ILE A 161 -2.49 15.98 -3.23
C ILE A 161 -2.02 15.52 -4.62
N PHE A 162 -1.91 14.21 -4.84
CA PHE A 162 -1.61 13.68 -6.16
C PHE A 162 -2.91 13.40 -6.88
N GLU A 163 -2.97 13.72 -8.18
CA GLU A 163 -4.07 13.31 -9.04
C GLU A 163 -3.56 12.35 -10.10
N TYR A 164 -4.07 11.15 -10.10
CA TYR A 164 -3.68 10.16 -11.07
C TYR A 164 -4.90 9.86 -11.94
N THR A 165 -4.71 9.98 -13.23
CA THR A 165 -5.75 9.61 -14.21
C THR A 165 -5.42 8.30 -14.88
N ASN A 166 -6.30 7.31 -14.77
CA ASN A 166 -6.09 6.02 -15.37
C ASN A 166 -6.31 6.14 -16.87
N PRO A 167 -5.28 5.90 -17.71
CA PRO A 167 -5.46 6.07 -19.16
C PRO A 167 -6.43 5.06 -19.79
N GLU A 168 -6.73 3.98 -19.08
CA GLU A 168 -7.67 2.98 -19.57
C GLU A 168 -9.07 3.52 -19.67
N ASP A 169 -9.46 4.36 -18.69
CA ASP A 169 -10.81 4.86 -18.59
C ASP A 169 -11.01 6.36 -18.29
N GLY A 170 -9.92 7.10 -18.15
CA GLY A 170 -10.01 8.51 -17.87
C GLY A 170 -10.41 8.92 -16.46
N VAL A 171 -10.53 7.96 -15.55
CA VAL A 171 -10.94 8.27 -14.19
C VAL A 171 -9.75 8.83 -13.41
N THR A 172 -9.99 9.93 -12.70
CA THR A 172 -8.98 10.57 -11.88
C THR A 172 -9.19 10.23 -10.40
N TYR A 173 -8.12 9.81 -9.74
CA TYR A 173 -8.12 9.46 -8.34
C TYR A 173 -7.23 10.45 -7.63
N GLN A 174 -7.64 10.86 -6.43
CA GLN A 174 -6.80 11.69 -5.56
C GLN A 174 -6.12 10.79 -4.56
N ILE A 175 -4.80 10.98 -4.41
CA ILE A 175 -4.03 10.18 -3.48
C ILE A 175 -3.30 11.14 -2.56
N LYS A 176 -3.46 10.95 -1.26
CA LYS A 176 -2.89 11.93 -0.35
C LYS A 176 -2.44 11.32 0.95
N GLY A 177 -1.85 12.17 1.79
CA GLY A 177 -1.49 11.76 3.12
C GLY A 177 -0.53 10.61 3.20
N MET A 178 -0.69 9.75 4.22
CA MET A 178 0.20 8.61 4.46
C MET A 178 0.31 7.74 3.22
N THR A 179 -0.83 7.56 2.55
CA THR A 179 -0.89 6.70 1.34
C THR A 179 0.02 7.25 0.25
N ALA A 180 -0.09 8.54 -0.01
CA ALA A 180 0.83 9.20 -0.98
C ALA A 180 2.28 9.14 -0.54
N ASN A 181 2.50 9.39 0.74
CA ASN A 181 3.86 9.34 1.24
C ASN A 181 4.51 8.00 1.08
N LEU A 182 3.78 6.94 1.40
CA LEU A 182 4.32 5.59 1.30
C LEU A 182 4.58 5.19 -0.15
N ALA A 183 3.69 5.63 -1.03
CA ALA A 183 3.87 5.33 -2.47
C ALA A 183 5.17 5.92 -3.00
N VAL A 184 5.46 7.16 -2.61
CA VAL A 184 6.71 7.82 -3.04
C VAL A 184 7.90 7.08 -2.47
N LEU A 185 7.83 6.71 -1.19
CA LEU A 185 8.92 5.98 -0.58
C LEU A 185 9.27 4.69 -1.35
N VAL A 186 8.25 3.89 -1.65
CA VAL A 186 8.46 2.66 -2.37
C VAL A 186 9.05 2.94 -3.78
N ALA A 187 8.54 3.96 -4.46
CA ALA A 187 9.05 4.35 -5.78
C ALA A 187 10.53 4.72 -5.68
N PHE A 188 10.90 5.53 -4.68
CA PHE A 188 12.32 5.84 -4.51
C PHE A 188 13.19 4.61 -4.27
N ILE A 189 12.77 3.75 -3.33
CA ILE A 189 13.51 2.59 -3.00
C ILE A 189 13.80 1.73 -4.23
N ILE A 190 12.76 1.50 -5.01
CA ILE A 190 12.86 0.50 -6.09
C ILE A 190 13.43 1.10 -7.36
N LEU A 191 13.11 2.35 -7.64
CA LEU A 191 13.44 2.93 -8.96
C LEU A 191 14.65 3.84 -9.00
N GLU A 192 15.13 4.29 -7.85
CA GLU A 192 16.34 5.16 -7.88
C GLU A 192 17.56 4.49 -8.47
N LYS A 193 18.39 5.29 -9.12
CA LYS A 193 19.71 4.85 -9.58
C LYS A 193 19.65 3.56 -10.38
N LYS A 194 18.93 3.58 -11.50
CA LYS A 194 18.80 2.42 -12.38
C LYS A 194 19.26 2.77 -13.77
N PRO A 195 20.15 1.93 -14.37
CA PRO A 195 20.43 2.12 -15.80
C PRO A 195 19.19 1.90 -16.65
N THR A 196 19.08 2.62 -17.77
CA THR A 196 18.02 2.37 -18.75
C THR A 196 18.50 1.37 -19.82
#